data_8ZQR
#
_entry.id   8ZQR
#
_cell.length_a   1.00
_cell.length_b   1.00
_cell.length_c   1.00
_cell.angle_alpha   90.00
_cell.angle_beta   90.00
_cell.angle_gamma   90.00
#
_symmetry.space_group_name_H-M   'P 1'
#
loop_
_entity.id
_entity.type
_entity.pdbx_description
1 polymer 'High affinity choline transporter 1'
2 branched beta-D-mannopyranose-(1-4)-2-acetamido-2-deoxy-beta-D-glucopyranose-(1-4)-2-acetamido-2-deoxy-beta-D-glucopyranose
#
_entity_poly.entity_id   1
_entity_poly.type   'polypeptide(L)'
_entity_poly.pdbx_seq_one_letter_code
;MAFHVEGLIAIIVFYLLILLVGIWAAWRTKNSGSAEERSEAIIVGGRDIGLLVGGFTMTATWVGGGYINGTAEAVYVPGY
GLAWAQAPIGYSLSLILGGLFFAKPMRSKGYVTMLDPFQQIYGKRMGGLLFIPALMGEMFWAAAIFSALGATISVIIDVD
MHISVIISALIATLYTLVGGLYSVAYTDVVQLFCIFVGLWISVPFALSHPAVADIGFTAVHAKYQKPWLGTVDSSEVYSW
LDSFLLLMLGGIPWQAYFQRVLSSSSATYAQVLSFLAAFGCLVMAIPAILIGAIGASTDWNQTAYGLPDPKTTEEADMIL
PIVLQYLCPVYISFFGLGAVSAAVMSSADSSILSASSMFARNIYQLSFRQNASDKEIVWVMRITVFVFGASATAMALLTK
TVYGLWYLSSDLVYIVIFPQLLCVLFVKGTNTYGAVAGYVSGLFLRITGGEPYLYLQPLIFYPGYYPDDNGIYNQKFPFK
TLAMVTSFLTNICISYLAKYLFESGTLPPKLDVFDAVVARHSEENMDKTILVKNENIKLDELALVKPRQSMTLSSTFTNK
EAFLDVDSSPEGSGTEDNLQ
;
_entity_poly.pdbx_strand_id   A
#
# COMPACT_ATOMS: atom_id res chain seq x y z
N PHE A 3 1.25 -31.84 13.57
CA PHE A 3 0.53 -30.65 14.02
C PHE A 3 1.21 -29.37 13.55
N HIS A 4 2.49 -29.25 13.86
CA HIS A 4 3.26 -28.05 13.55
C HIS A 4 4.38 -28.30 12.54
N VAL A 5 5.19 -29.34 12.75
CA VAL A 5 6.31 -29.60 11.86
C VAL A 5 5.85 -29.94 10.46
N GLU A 6 4.68 -30.57 10.32
CA GLU A 6 4.11 -30.80 8.99
C GLU A 6 3.71 -29.49 8.33
N GLY A 7 3.58 -28.42 9.12
CA GLY A 7 3.23 -27.12 8.54
C GLY A 7 4.31 -26.62 7.59
N LEU A 8 5.57 -26.87 7.90
CA LEU A 8 6.66 -26.47 7.01
C LEU A 8 6.52 -27.14 5.66
N ILE A 9 6.20 -28.44 5.65
CA ILE A 9 6.03 -29.15 4.38
C ILE A 9 4.95 -28.48 3.55
N ALA A 10 3.89 -27.99 4.19
CA ALA A 10 2.85 -27.29 3.47
C ALA A 10 3.38 -26.03 2.79
N ILE A 11 4.22 -25.28 3.50
CA ILE A 11 4.81 -24.08 2.91
C ILE A 11 5.81 -24.44 1.82
N ILE A 12 6.65 -25.44 2.06
CA ILE A 12 7.70 -25.78 1.11
C ILE A 12 7.13 -26.36 -0.17
N VAL A 13 6.17 -27.27 -0.05
CA VAL A 13 5.69 -28.01 -1.22
C VAL A 13 5.08 -27.08 -2.27
N PHE A 14 4.50 -25.95 -1.86
CA PHE A 14 3.88 -25.04 -2.79
C PHE A 14 4.87 -24.03 -3.37
N TYR A 15 5.87 -23.63 -2.58
CA TYR A 15 6.82 -22.62 -3.07
C TYR A 15 7.56 -23.14 -4.29
N LEU A 16 7.84 -24.43 -4.34
CA LEU A 16 8.50 -25.00 -5.51
C LEU A 16 7.63 -24.87 -6.75
N LEU A 17 6.35 -25.26 -6.65
CA LEU A 17 5.48 -25.25 -7.82
C LEU A 17 5.32 -23.85 -8.40
N ILE A 18 5.23 -22.84 -7.54
CA ILE A 18 5.08 -21.45 -7.99
C ILE A 18 6.38 -21.00 -8.66
N LEU A 19 7.47 -21.73 -8.42
CA LEU A 19 8.77 -21.36 -8.97
C LEU A 19 9.20 -22.19 -10.17
N LEU A 20 9.04 -23.52 -10.15
CA LEU A 20 9.43 -24.32 -11.31
C LEU A 20 8.60 -23.96 -12.54
N VAL A 21 7.29 -23.75 -12.35
CA VAL A 21 6.45 -23.26 -13.45
C VAL A 21 6.83 -21.86 -13.87
N GLY A 22 7.53 -21.11 -13.03
CA GLY A 22 8.12 -19.85 -13.42
C GLY A 22 9.41 -19.99 -14.20
N ILE A 23 9.97 -21.19 -14.31
CA ILE A 23 11.12 -21.45 -15.16
C ILE A 23 10.70 -21.74 -16.61
N TRP A 24 9.43 -22.04 -16.82
CA TRP A 24 8.92 -22.39 -18.14
C TRP A 24 9.11 -21.26 -19.14
N GLY A 50 -7.61 -13.12 -25.14
CA GLY A 50 -6.16 -13.12 -25.11
C GLY A 50 -5.55 -12.01 -24.27
N LEU A 51 -6.23 -10.86 -24.24
CA LEU A 51 -5.75 -9.72 -23.48
C LEU A 51 -6.19 -9.75 -22.02
N LEU A 52 -7.05 -10.69 -21.64
CA LEU A 52 -7.48 -10.78 -20.25
C LEU A 52 -6.30 -11.08 -19.33
N VAL A 53 -5.25 -11.70 -19.86
CA VAL A 53 -4.05 -11.96 -19.07
C VAL A 53 -3.42 -10.65 -18.63
N GLY A 54 -3.46 -9.63 -19.50
CA GLY A 54 -2.97 -8.32 -19.10
C GLY A 54 -3.75 -7.74 -17.94
N GLY A 55 -5.07 -7.85 -17.99
CA GLY A 55 -5.89 -7.37 -16.88
C GLY A 55 -5.62 -8.13 -15.59
N PHE A 56 -5.47 -9.46 -15.69
CA PHE A 56 -5.26 -10.29 -14.51
C PHE A 56 -3.84 -10.20 -13.96
N THR A 57 -2.88 -9.69 -14.74
CA THR A 57 -1.55 -9.42 -14.22
C THR A 57 -1.42 -7.97 -13.75
N MET A 58 -2.29 -7.07 -14.22
CA MET A 58 -2.40 -5.75 -13.61
C MET A 58 -3.12 -5.78 -12.28
N THR A 59 -4.11 -6.66 -12.12
CA THR A 59 -4.78 -6.87 -10.85
C THR A 59 -3.85 -7.52 -9.82
N ALA A 60 -2.77 -8.13 -10.30
CA ALA A 60 -1.89 -8.91 -9.45
C ALA A 60 -0.85 -8.07 -8.74
N THR A 61 -0.79 -6.77 -9.01
CA THR A 61 0.13 -5.90 -8.28
C THR A 61 -0.51 -5.36 -7.00
N TRP A 62 -1.74 -4.94 -7.13
CA TRP A 62 -2.44 -4.43 -5.98
C TRP A 62 -2.94 -5.49 -5.01
N VAL A 63 -3.40 -6.66 -5.43
CA VAL A 63 -3.99 -7.62 -4.51
C VAL A 63 -3.05 -8.50 -3.82
N GLY A 64 -2.27 -7.98 -2.93
CA GLY A 64 -1.24 -8.78 -2.32
C GLY A 64 -1.42 -9.40 -0.98
N GLY A 65 -0.67 -9.00 0.02
CA GLY A 65 -0.70 -9.64 1.32
C GLY A 65 -1.25 -8.70 2.27
N GLY A 66 -1.40 -7.48 1.87
CA GLY A 66 -2.13 -6.53 2.66
C GLY A 66 -3.64 -6.42 2.48
N TYR A 67 -4.10 -6.48 1.23
CA TYR A 67 -5.50 -6.37 0.89
C TYR A 67 -6.18 -7.47 1.64
N ILE A 68 -5.89 -8.71 1.26
CA ILE A 68 -6.48 -9.74 1.97
C ILE A 68 -6.39 -9.87 3.45
N ASN A 69 -5.43 -9.21 4.10
CA ASN A 69 -5.31 -9.26 5.55
C ASN A 69 -5.72 -7.96 6.19
N GLY A 70 -5.44 -6.81 5.61
CA GLY A 70 -6.00 -5.59 6.16
C GLY A 70 -7.50 -5.33 6.12
N THR A 71 -8.13 -5.63 4.98
CA THR A 71 -9.58 -5.50 4.91
C THR A 71 -10.30 -6.60 5.67
N ALA A 72 -9.59 -7.63 6.14
CA ALA A 72 -10.12 -8.59 7.10
C ALA A 72 -10.00 -8.08 8.52
N GLU A 73 -9.01 -7.22 8.80
CA GLU A 73 -8.93 -6.48 10.04
C GLU A 73 -10.01 -5.41 10.17
N ALA A 74 -10.22 -4.62 9.12
CA ALA A 74 -11.09 -3.44 9.25
C ALA A 74 -12.51 -3.83 9.64
N VAL A 75 -13.03 -4.92 9.08
CA VAL A 75 -14.38 -5.36 9.43
C VAL A 75 -14.41 -5.90 10.86
N TYR A 76 -13.40 -6.67 11.24
CA TYR A 76 -13.46 -7.40 12.51
C TYR A 76 -13.37 -6.45 13.70
N VAL A 77 -12.48 -5.47 13.65
CA VAL A 77 -12.20 -4.66 14.85
C VAL A 77 -13.45 -3.90 15.25
N PRO A 78 -13.93 -4.03 16.49
CA PRO A 78 -15.10 -3.29 16.92
C PRO A 78 -14.84 -1.78 16.89
N GLY A 79 -15.88 -1.03 16.54
CA GLY A 79 -15.76 0.40 16.38
C GLY A 79 -15.26 0.85 15.02
N TYR A 80 -14.97 -0.09 14.13
CA TYR A 80 -14.56 0.26 12.78
C TYR A 80 -15.64 -0.13 11.80
N GLY A 81 -15.89 -1.43 11.68
CA GLY A 81 -16.93 -1.92 10.79
C GLY A 81 -16.56 -1.83 9.33
N LEU A 82 -17.54 -2.16 8.48
CA LEU A 82 -17.32 -2.13 7.05
C LEU A 82 -17.23 -0.70 6.53
N ALA A 83 -17.98 0.22 7.15
CA ALA A 83 -18.03 1.59 6.66
C ALA A 83 -16.66 2.26 6.68
N TRP A 84 -15.77 1.80 7.55
CA TRP A 84 -14.42 2.34 7.64
C TRP A 84 -13.39 1.53 6.88
N ALA A 85 -13.80 0.45 6.21
CA ALA A 85 -12.90 -0.32 5.34
C ALA A 85 -12.98 0.29 3.95
N GLN A 86 -12.38 1.47 3.80
CA GLN A 86 -12.52 2.28 2.61
C GLN A 86 -11.46 2.00 1.56
N ALA A 87 -10.50 1.13 1.85
CA ALA A 87 -9.36 0.94 0.96
C ALA A 87 -9.67 0.05 -0.24
N PRO A 88 -10.34 -1.11 -0.08
CA PRO A 88 -10.71 -1.88 -1.29
C PRO A 88 -11.51 -1.09 -2.30
N ILE A 89 -12.43 -0.23 -1.83
CA ILE A 89 -13.17 0.64 -2.74
C ILE A 89 -12.26 1.74 -3.28
N GLY A 90 -11.36 2.24 -2.44
CA GLY A 90 -10.52 3.37 -2.86
C GLY A 90 -9.59 3.02 -4.01
N TYR A 91 -8.85 1.92 -3.89
CA TYR A 91 -7.90 1.56 -4.93
C TYR A 91 -8.62 1.10 -6.20
N SER A 92 -9.71 0.35 -6.04
CA SER A 92 -10.50 -0.11 -7.18
C SER A 92 -11.18 1.04 -7.90
N LEU A 93 -11.28 2.22 -7.27
CA LEU A 93 -11.73 3.42 -7.97
C LEU A 93 -10.57 4.24 -8.51
N SER A 94 -9.41 4.21 -7.86
CA SER A 94 -8.24 4.88 -8.42
C SER A 94 -7.86 4.26 -9.76
N LEU A 95 -7.94 2.93 -9.85
CA LEU A 95 -7.69 2.27 -11.14
C LEU A 95 -8.66 2.74 -12.20
N ILE A 96 -9.89 3.12 -11.81
CA ILE A 96 -10.85 3.61 -12.78
C ILE A 96 -10.51 5.04 -13.19
N LEU A 97 -10.40 5.96 -12.22
CA LEU A 97 -10.12 7.35 -12.55
C LEU A 97 -8.78 7.55 -13.23
N GLY A 98 -7.85 6.61 -13.13
CA GLY A 98 -6.62 6.74 -13.89
C GLY A 98 -6.85 6.74 -15.40
N GLY A 99 -7.63 5.77 -15.88
CA GLY A 99 -7.69 5.53 -17.31
C GLY A 99 -8.26 6.69 -18.10
N LEU A 100 -9.39 7.25 -17.63
CA LEU A 100 -10.09 8.25 -18.43
C LEU A 100 -9.33 9.56 -18.51
N PHE A 101 -8.67 9.96 -17.41
CA PHE A 101 -8.11 11.30 -17.32
C PHE A 101 -6.60 11.36 -17.42
N PHE A 102 -5.86 10.39 -16.89
CA PHE A 102 -4.41 10.53 -16.86
C PHE A 102 -3.73 9.72 -17.95
N ALA A 103 -4.37 8.64 -18.41
CA ALA A 103 -3.74 7.76 -19.38
C ALA A 103 -3.56 8.42 -20.73
N LYS A 104 -4.63 9.04 -21.25
CA LYS A 104 -4.55 9.64 -22.58
C LYS A 104 -3.57 10.80 -22.70
N PRO A 105 -3.54 11.80 -21.78
CA PRO A 105 -2.65 12.94 -22.03
C PRO A 105 -1.19 12.69 -21.69
N MET A 106 -0.88 11.66 -20.90
CA MET A 106 0.51 11.25 -20.75
C MET A 106 1.07 10.73 -22.07
N ARG A 107 0.29 9.94 -22.80
CA ARG A 107 0.80 9.34 -24.03
C ARG A 107 0.99 10.38 -25.12
N SER A 108 0.36 11.55 -24.99
CA SER A 108 0.42 12.57 -26.03
C SER A 108 1.81 13.18 -26.18
N LYS A 109 2.65 13.12 -25.14
CA LYS A 109 4.01 13.62 -25.22
C LYS A 109 5.04 12.51 -25.03
N GLY A 110 4.61 11.26 -24.98
CA GLY A 110 5.52 10.13 -25.03
C GLY A 110 6.47 10.01 -23.86
N TYR A 111 5.97 10.15 -22.63
CA TYR A 111 6.78 9.89 -21.45
C TYR A 111 6.90 8.39 -21.25
N VAL A 112 8.13 7.88 -21.19
CA VAL A 112 8.33 6.44 -21.02
C VAL A 112 7.89 6.00 -19.64
N THR A 113 8.11 6.83 -18.62
CA THR A 113 7.74 6.50 -17.25
C THR A 113 7.37 7.78 -16.52
N MET A 114 6.94 7.61 -15.26
CA MET A 114 6.52 8.76 -14.46
C MET A 114 7.69 9.69 -14.15
N LEU A 115 8.91 9.15 -14.10
CA LEU A 115 10.07 9.98 -13.80
C LEU A 115 10.31 11.01 -14.89
N ASP A 116 9.98 10.68 -16.14
CA ASP A 116 10.33 11.56 -17.25
C ASP A 116 9.73 12.96 -17.16
N PRO A 117 8.42 13.15 -16.94
CA PRO A 117 7.89 14.53 -16.93
C PRO A 117 8.53 15.43 -15.88
N PHE A 118 8.93 14.87 -14.74
CA PHE A 118 9.57 15.69 -13.72
C PHE A 118 10.95 16.14 -14.18
N GLN A 119 11.64 15.33 -14.98
CA GLN A 119 13.02 15.64 -15.32
C GLN A 119 13.12 16.81 -16.29
N GLN A 120 12.27 16.84 -17.31
CA GLN A 120 12.43 17.84 -18.37
C GLN A 120 12.06 19.24 -17.89
N ILE A 121 10.99 19.35 -17.11
CA ILE A 121 10.45 20.68 -16.81
C ILE A 121 10.82 21.13 -15.40
N TYR A 122 11.15 20.20 -14.52
CA TYR A 122 11.66 20.55 -13.19
C TYR A 122 13.16 20.33 -13.05
N GLY A 123 13.88 20.15 -14.14
CA GLY A 123 15.32 19.96 -14.08
C GLY A 123 15.69 18.52 -13.74
N LYS A 124 16.99 18.24 -13.85
CA LYS A 124 17.46 16.86 -13.67
C LYS A 124 17.41 16.43 -12.22
N ARG A 125 17.88 17.28 -11.30
CA ARG A 125 18.03 16.85 -9.92
C ARG A 125 16.72 16.77 -9.16
N MET A 126 15.77 17.68 -9.42
CA MET A 126 14.53 17.67 -8.65
C MET A 126 13.77 16.37 -8.82
N GLY A 127 13.95 15.70 -9.95
CA GLY A 127 13.34 14.39 -10.11
C GLY A 127 13.80 13.40 -9.06
N GLY A 128 15.07 13.45 -8.69
CA GLY A 128 15.55 12.58 -7.63
C GLY A 128 14.95 12.90 -6.28
N LEU A 129 14.87 14.18 -5.95
CA LEU A 129 14.34 14.58 -4.64
C LEU A 129 12.84 14.46 -4.54
N LEU A 130 12.13 14.32 -5.67
CA LEU A 130 10.68 14.14 -5.63
C LEU A 130 10.27 12.67 -5.60
N PHE A 131 11.23 11.75 -5.51
CA PHE A 131 10.94 10.32 -5.48
C PHE A 131 11.19 9.70 -4.11
N ILE A 132 11.68 10.47 -3.15
CA ILE A 132 11.92 9.98 -1.80
C ILE A 132 10.62 9.54 -1.12
N PRO A 133 9.53 10.32 -1.20
CA PRO A 133 8.26 9.83 -0.63
C PRO A 133 7.78 8.55 -1.27
N ALA A 134 8.04 8.35 -2.57
CA ALA A 134 7.68 7.08 -3.21
C ALA A 134 8.50 5.94 -2.63
N LEU A 135 9.78 6.16 -2.37
CA LEU A 135 10.60 5.14 -1.74
C LEU A 135 10.08 4.81 -0.35
N MET A 136 9.69 5.83 0.42
CA MET A 136 9.12 5.57 1.74
C MET A 136 7.82 4.78 1.63
N GLY A 137 6.99 5.11 0.64
CA GLY A 137 5.75 4.36 0.46
C GLY A 137 6.01 2.91 0.12
N GLU A 138 6.97 2.65 -0.76
CA GLU A 138 7.34 1.27 -1.03
C GLU A 138 7.90 0.57 0.20
N MET A 139 8.61 1.31 1.06
CA MET A 139 9.09 0.72 2.31
C MET A 139 7.92 0.32 3.20
N PHE A 140 6.90 1.17 3.30
CA PHE A 140 5.70 0.81 4.07
C PHE A 140 5.02 -0.41 3.48
N TRP A 141 4.88 -0.46 2.16
CA TRP A 141 4.23 -1.58 1.50
C TRP A 141 5.00 -2.87 1.75
N ALA A 142 6.33 -2.81 1.67
CA ALA A 142 7.16 -3.98 1.94
C ALA A 142 7.00 -4.43 3.39
N ALA A 143 6.91 -3.48 4.32
CA ALA A 143 6.70 -3.85 5.72
C ALA A 143 5.37 -4.56 5.91
N ALA A 144 4.33 -4.16 5.15
CA ALA A 144 3.03 -4.80 5.29
C ALA A 144 3.09 -6.29 4.94
N ILE A 145 3.78 -6.63 3.85
CA ILE A 145 3.88 -8.03 3.44
C ILE A 145 4.63 -8.85 4.48
N PHE A 146 5.70 -8.28 5.03
CA PHE A 146 6.43 -8.96 6.10
C PHE A 146 5.54 -9.19 7.31
N SER A 147 4.70 -8.20 7.64
CA SER A 147 3.79 -8.34 8.78
C SER A 147 2.79 -9.47 8.54
N ALA A 148 2.24 -9.57 7.33
CA ALA A 148 1.31 -10.65 7.03
C ALA A 148 1.99 -12.01 7.08
N LEU A 149 3.18 -12.12 6.47
CA LEU A 149 3.89 -13.38 6.46
C LEU A 149 4.27 -13.83 7.85
N GLY A 150 4.69 -12.89 8.70
CA GLY A 150 5.04 -13.25 10.07
C GLY A 150 3.87 -13.86 10.82
N ALA A 151 2.68 -13.25 10.69
CA ALA A 151 1.50 -13.80 11.35
C ALA A 151 1.16 -15.19 10.82
N THR A 152 1.22 -15.38 9.50
CA THR A 152 0.88 -16.68 8.94
C THR A 152 1.85 -17.76 9.44
N ILE A 153 3.16 -17.47 9.41
CA ILE A 153 4.13 -18.45 9.88
C ILE A 153 3.95 -18.69 11.38
N SER A 154 3.63 -17.64 12.13
CA SER A 154 3.46 -17.79 13.57
C SER A 154 2.31 -18.72 13.91
N VAL A 155 1.17 -18.59 13.21
CA VAL A 155 0.06 -19.48 13.50
C VAL A 155 0.36 -20.89 13.00
N ILE A 156 1.14 -21.02 11.92
CA ILE A 156 1.42 -22.36 11.41
C ILE A 156 2.27 -23.16 12.41
N ILE A 157 3.35 -22.57 12.93
CA ILE A 157 4.28 -23.33 13.76
C ILE A 157 4.43 -22.79 15.17
N ASP A 158 3.43 -22.06 15.69
CA ASP A 158 3.35 -21.66 17.09
C ASP A 158 4.58 -20.93 17.61
N VAL A 159 5.27 -20.17 16.77
CA VAL A 159 6.42 -19.39 17.21
C VAL A 159 6.00 -17.93 17.33
N ASP A 160 6.79 -17.17 18.08
CA ASP A 160 6.45 -15.78 18.36
C ASP A 160 6.54 -14.93 17.11
N MET A 161 5.77 -13.83 17.10
CA MET A 161 5.87 -12.88 15.99
C MET A 161 7.25 -12.28 15.89
N HIS A 162 7.89 -12.00 17.03
CA HIS A 162 9.14 -11.24 17.03
C HIS A 162 10.24 -11.96 16.26
N ILE A 163 10.16 -13.29 16.21
CA ILE A 163 11.17 -14.07 15.50
C ILE A 163 10.74 -14.34 14.07
N SER A 164 9.45 -14.63 13.87
CA SER A 164 8.97 -15.06 12.56
C SER A 164 9.15 -14.00 11.49
N VAL A 165 8.86 -12.74 11.81
CA VAL A 165 9.02 -11.68 10.82
C VAL A 165 10.49 -11.49 10.46
N ILE A 166 11.39 -11.62 11.44
CA ILE A 166 12.82 -11.53 11.18
C ILE A 166 13.25 -12.65 10.24
N ILE A 167 12.78 -13.88 10.52
CA ILE A 167 13.16 -15.02 9.69
C ILE A 167 12.66 -14.84 8.27
N SER A 168 11.40 -14.40 8.11
CA SER A 168 10.86 -14.18 6.77
C SER A 168 11.62 -13.08 6.04
N ALA A 169 11.97 -12.00 6.74
CA ALA A 169 12.74 -10.92 6.11
C ALA A 169 14.10 -11.44 5.64
N LEU A 170 14.78 -12.23 6.48
CA LEU A 170 16.07 -12.79 6.09
C LEU A 170 15.93 -13.67 4.85
N ILE A 171 14.92 -14.55 4.85
CA ILE A 171 14.74 -15.46 3.72
C ILE A 171 14.47 -14.68 2.44
N ALA A 172 13.56 -13.71 2.50
CA ALA A 172 13.21 -12.96 1.31
C ALA A 172 14.39 -12.14 0.80
N THR A 173 15.08 -11.43 1.69
CA THR A 173 16.21 -10.61 1.27
C THR A 173 17.33 -11.47 0.68
N LEU A 174 17.63 -12.61 1.31
CA LEU A 174 18.68 -13.47 0.78
C LEU A 174 18.30 -14.04 -0.58
N TYR A 175 17.08 -14.57 -0.70
CA TYR A 175 16.64 -15.13 -1.98
C TYR A 175 16.53 -14.08 -3.07
N THR A 176 16.37 -12.80 -2.71
CA THR A 176 16.33 -11.75 -3.73
C THR A 176 17.64 -11.68 -4.50
N LEU A 177 18.77 -11.87 -3.82
CA LEU A 177 20.08 -11.66 -4.41
C LEU A 177 20.87 -12.97 -4.59
N VAL A 178 20.51 -14.03 -3.87
CA VAL A 178 21.20 -15.30 -4.02
C VAL A 178 20.50 -16.12 -5.08
N GLY A 179 19.40 -15.60 -5.62
CA GLY A 179 18.68 -16.28 -6.68
C GLY A 179 19.26 -15.98 -8.04
N GLY A 180 20.07 -16.89 -8.55
CA GLY A 180 20.71 -16.72 -9.84
C GLY A 180 21.49 -17.93 -10.29
N ALA A 185 7.55 -16.01 -18.70
CA ALA A 185 7.35 -16.33 -17.29
C ALA A 185 6.23 -15.49 -16.69
N TYR A 186 5.20 -16.18 -16.19
CA TYR A 186 4.04 -15.54 -15.57
C TYR A 186 4.00 -15.95 -14.10
N THR A 187 4.70 -15.19 -13.25
CA THR A 187 4.73 -15.52 -11.83
C THR A 187 3.60 -14.83 -11.09
N ASP A 188 3.11 -13.70 -11.60
CA ASP A 188 2.03 -12.99 -10.93
C ASP A 188 0.68 -13.67 -11.18
N VAL A 189 0.53 -14.32 -12.32
CA VAL A 189 -0.71 -15.04 -12.61
C VAL A 189 -0.86 -16.24 -11.68
N VAL A 190 0.23 -16.99 -11.47
CA VAL A 190 0.16 -18.18 -10.62
C VAL A 190 -0.12 -17.81 -9.18
N GLN A 191 0.49 -16.75 -8.67
CA GLN A 191 0.31 -16.39 -7.26
C GLN A 191 -1.14 -16.00 -6.98
N LEU A 192 -1.79 -15.31 -7.91
CA LEU A 192 -3.17 -14.89 -7.71
C LEU A 192 -4.16 -16.04 -7.86
N PHE A 193 -3.92 -16.96 -8.79
CA PHE A 193 -4.78 -18.11 -8.98
C PHE A 193 -4.62 -19.15 -7.88
N CYS A 194 -3.66 -18.96 -6.98
CA CYS A 194 -3.59 -19.72 -5.74
C CYS A 194 -4.36 -19.06 -4.61
N ILE A 195 -4.28 -17.73 -4.50
CA ILE A 195 -5.04 -17.02 -3.48
C ILE A 195 -6.54 -17.16 -3.74
N PHE A 196 -6.96 -17.02 -5.00
CA PHE A 196 -8.38 -17.11 -5.33
C PHE A 196 -8.96 -18.46 -4.94
N VAL A 197 -8.25 -19.54 -5.27
CA VAL A 197 -8.75 -20.88 -4.94
C VAL A 197 -8.66 -21.13 -3.45
N GLY A 198 -7.58 -20.67 -2.80
CA GLY A 198 -7.36 -21.00 -1.41
C GLY A 198 -8.41 -20.40 -0.49
N LEU A 199 -8.80 -19.15 -0.74
CA LEU A 199 -9.79 -18.50 0.11
C LEU A 199 -11.19 -19.03 -0.15
N TRP A 200 -11.55 -19.25 -1.42
CA TRP A 200 -12.89 -19.66 -1.79
C TRP A 200 -13.18 -21.13 -1.47
N ILE A 201 -12.16 -21.91 -1.09
CA ILE A 201 -12.37 -23.32 -0.77
C ILE A 201 -12.58 -23.54 0.73
N SER A 202 -12.09 -22.65 1.59
CA SER A 202 -12.23 -22.79 3.03
C SER A 202 -13.41 -22.02 3.60
N VAL A 203 -13.76 -20.89 3.01
CA VAL A 203 -14.84 -20.04 3.52
C VAL A 203 -16.17 -20.78 3.57
N PRO A 204 -16.55 -21.56 2.55
CA PRO A 204 -17.80 -22.33 2.67
C PRO A 204 -17.84 -23.25 3.88
N PHE A 205 -16.69 -23.82 4.26
CA PHE A 205 -16.67 -24.76 5.36
C PHE A 205 -16.69 -24.09 6.72
N ALA A 206 -16.04 -22.93 6.83
CA ALA A 206 -16.05 -22.18 8.08
C ALA A 206 -17.43 -21.63 8.38
N LEU A 207 -18.12 -21.12 7.36
CA LEU A 207 -19.45 -20.56 7.49
C LEU A 207 -20.47 -21.57 8.00
N SER A 208 -20.21 -22.87 7.86
CA SER A 208 -21.10 -23.91 8.35
C SER A 208 -20.66 -24.48 9.69
N HIS A 209 -19.65 -23.89 10.34
CA HIS A 209 -19.19 -24.39 11.62
C HIS A 209 -20.27 -24.23 12.69
N PRO A 210 -20.33 -25.14 13.66
CA PRO A 210 -21.34 -25.01 14.72
C PRO A 210 -21.27 -23.70 15.50
N ALA A 211 -20.06 -23.18 15.72
CA ALA A 211 -19.91 -21.97 16.51
C ALA A 211 -20.41 -20.74 15.76
N VAL A 212 -20.13 -20.66 14.46
CA VAL A 212 -20.49 -19.48 13.69
C VAL A 212 -22.01 -19.42 13.54
N ALA A 213 -22.58 -18.26 13.84
CA ALA A 213 -24.01 -18.06 13.79
C ALA A 213 -24.42 -17.40 12.46
N ASP A 214 -25.69 -17.05 12.36
CA ASP A 214 -26.20 -16.41 11.15
C ASP A 214 -25.50 -15.07 10.93
N ILE A 215 -25.08 -14.82 9.69
CA ILE A 215 -24.34 -13.61 9.36
C ILE A 215 -25.32 -12.51 8.97
N GLY A 216 -26.58 -12.88 8.76
CA GLY A 216 -27.61 -11.93 8.42
C GLY A 216 -28.20 -11.18 9.58
N PHE A 217 -27.88 -11.58 10.81
CA PHE A 217 -28.40 -10.93 12.00
C PHE A 217 -27.35 -10.17 12.78
N THR A 218 -26.09 -10.59 12.73
CA THR A 218 -25.02 -9.91 13.43
C THR A 218 -24.48 -8.72 12.67
N ALA A 219 -25.03 -8.43 11.50
CA ALA A 219 -24.71 -7.21 10.77
C ALA A 219 -25.56 -6.03 11.18
N VAL A 220 -26.60 -6.23 12.00
CA VAL A 220 -27.45 -5.12 12.41
C VAL A 220 -27.79 -5.10 13.89
N HIS A 221 -27.69 -6.20 14.65
CA HIS A 221 -28.23 -6.19 16.02
C HIS A 221 -27.29 -6.87 17.01
N ALA A 222 -25.99 -6.89 16.71
CA ALA A 222 -24.94 -7.10 17.73
C ALA A 222 -25.23 -8.30 18.65
N LYS A 223 -25.21 -9.51 18.09
CA LYS A 223 -25.43 -10.68 18.93
C LYS A 223 -24.34 -10.83 19.98
N TYR A 224 -23.09 -11.00 19.56
CA TYR A 224 -21.96 -11.13 20.47
C TYR A 224 -21.10 -9.88 20.56
N GLN A 225 -20.82 -9.21 19.44
CA GLN A 225 -20.08 -7.97 19.43
C GLN A 225 -20.80 -6.97 18.55
N LYS A 226 -20.28 -5.75 18.52
CA LYS A 226 -20.91 -4.67 17.76
C LYS A 226 -21.03 -5.08 16.29
N PRO A 227 -22.14 -4.74 15.63
CA PRO A 227 -22.37 -5.26 14.27
C PRO A 227 -21.25 -4.87 13.31
N TRP A 228 -20.88 -5.82 12.44
CA TRP A 228 -19.74 -5.60 11.58
C TRP A 228 -20.04 -4.62 10.46
N LEU A 229 -21.33 -4.38 10.19
CA LEU A 229 -21.69 -3.28 9.31
C LEU A 229 -21.52 -1.97 10.05
N GLY A 230 -20.52 -1.19 9.66
CA GLY A 230 -20.08 -0.05 10.42
C GLY A 230 -21.02 1.13 10.32
N THR A 231 -20.64 2.22 10.98
CA THR A 231 -21.43 3.44 11.00
C THR A 231 -20.50 4.64 10.99
N VAL A 232 -20.98 5.74 10.40
CA VAL A 232 -20.28 7.00 10.41
C VAL A 232 -21.21 8.03 11.04
N ASP A 233 -20.81 8.56 12.20
CA ASP A 233 -21.64 9.51 12.91
C ASP A 233 -21.55 10.89 12.26
N SER A 234 -22.41 11.80 12.71
CA SER A 234 -22.45 13.13 12.12
C SER A 234 -21.16 13.89 12.36
N SER A 235 -20.41 13.50 13.40
CA SER A 235 -19.19 14.23 13.72
C SER A 235 -18.05 13.89 12.77
N GLU A 236 -17.98 12.64 12.33
CA GLU A 236 -16.81 12.14 11.61
C GLU A 236 -16.98 12.14 10.09
N VAL A 237 -17.99 12.84 9.57
CA VAL A 237 -18.23 12.84 8.13
C VAL A 237 -17.04 13.44 7.39
N TYR A 238 -16.53 14.56 7.88
CA TYR A 238 -15.42 15.23 7.21
C TYR A 238 -14.16 14.38 7.26
N SER A 239 -13.90 13.74 8.41
CA SER A 239 -12.73 12.86 8.50
C SER A 239 -12.85 11.69 7.54
N TRP A 240 -14.04 11.08 7.43
CA TRP A 240 -14.22 9.96 6.52
C TRP A 240 -14.00 10.39 5.08
N LEU A 241 -14.57 11.53 4.68
CA LEU A 241 -14.38 12.01 3.31
C LEU A 241 -12.92 12.32 3.03
N ASP A 242 -12.23 12.94 4.00
CA ASP A 242 -10.82 13.24 3.80
C ASP A 242 -9.99 11.97 3.63
N SER A 243 -10.25 10.96 4.44
CA SER A 243 -9.53 9.70 4.29
C SER A 243 -9.83 9.04 2.94
N PHE A 244 -11.09 9.07 2.51
CA PHE A 244 -11.43 8.48 1.22
C PHE A 244 -10.72 9.19 0.07
N LEU A 245 -10.70 10.53 0.10
CA LEU A 245 -9.96 11.25 -0.92
C LEU A 245 -8.47 10.92 -0.88
N LEU A 246 -7.88 10.87 0.31
CA LEU A 246 -6.48 10.49 0.43
C LEU A 246 -6.21 9.12 -0.19
N LEU A 247 -7.10 8.17 0.06
CA LEU A 247 -6.85 6.78 -0.31
C LEU A 247 -7.35 6.44 -1.72
N MET A 248 -8.04 7.36 -2.38
CA MET A 248 -8.46 7.08 -3.76
C MET A 248 -7.72 7.99 -4.74
N LEU A 249 -7.11 9.07 -4.26
CA LEU A 249 -6.30 9.93 -5.11
C LEU A 249 -4.81 9.74 -4.89
N GLY A 250 -4.43 8.84 -3.99
CA GLY A 250 -3.03 8.58 -3.71
C GLY A 250 -2.56 7.27 -4.29
N GLY A 251 -3.34 6.69 -5.20
CA GLY A 251 -2.96 5.47 -5.88
C GLY A 251 -2.72 5.70 -7.36
N ILE A 252 -3.14 6.85 -7.85
CA ILE A 252 -2.92 7.26 -9.24
C ILE A 252 -1.43 7.41 -9.58
N PRO A 253 -0.62 8.13 -8.80
CA PRO A 253 0.75 8.40 -9.23
C PRO A 253 1.76 7.32 -8.89
N TRP A 254 1.34 6.10 -8.56
CA TRP A 254 2.29 5.04 -8.31
C TRP A 254 2.99 4.63 -9.60
N GLN A 255 4.18 4.04 -9.45
CA GLN A 255 5.04 3.78 -10.60
C GLN A 255 4.53 2.64 -11.46
N ALA A 256 4.10 1.54 -10.84
CA ALA A 256 3.79 0.33 -11.60
C ALA A 256 2.62 0.54 -12.56
N TYR A 257 1.57 1.21 -12.09
CA TYR A 257 0.40 1.43 -12.93
C TYR A 257 0.74 2.27 -14.16
N PHE A 258 1.48 3.36 -13.95
CA PHE A 258 1.81 4.22 -15.09
C PHE A 258 2.86 3.57 -15.99
N GLN A 259 3.67 2.67 -15.45
CA GLN A 259 4.58 1.91 -16.29
C GLN A 259 3.81 0.95 -17.20
N ARG A 260 2.80 0.28 -16.65
CA ARG A 260 2.07 -0.69 -17.46
C ARG A 260 1.13 -0.01 -18.45
N VAL A 261 0.50 1.09 -18.05
CA VAL A 261 -0.41 1.78 -18.97
C VAL A 261 0.35 2.33 -20.17
N LEU A 262 1.51 2.95 -19.92
CA LEU A 262 2.23 3.62 -21.00
C LEU A 262 2.75 2.62 -22.03
N SER A 263 3.01 1.38 -21.60
CA SER A 263 3.62 0.41 -22.50
C SER A 263 2.65 -0.05 -23.58
N SER A 264 1.36 -0.07 -23.27
CA SER A 264 0.37 -0.65 -24.18
C SER A 264 0.31 0.13 -25.49
N SER A 265 0.08 -0.60 -26.59
CA SER A 265 0.13 0.00 -27.92
C SER A 265 -1.05 0.94 -28.15
N SER A 266 -2.24 0.52 -27.77
CA SER A 266 -3.46 1.25 -28.06
C SER A 266 -3.95 1.98 -26.82
N ALA A 267 -4.39 3.23 -26.99
CA ALA A 267 -4.91 3.99 -25.87
C ALA A 267 -6.17 3.34 -25.28
N THR A 268 -7.09 2.91 -26.14
CA THR A 268 -8.28 2.22 -25.67
C THR A 268 -7.91 0.92 -24.96
N TYR A 269 -6.84 0.26 -25.42
CA TYR A 269 -6.34 -0.92 -24.73
C TYR A 269 -6.01 -0.61 -23.27
N ALA A 270 -5.37 0.54 -23.04
CA ALA A 270 -4.97 0.90 -21.68
C ALA A 270 -6.18 1.09 -20.77
N GLN A 271 -7.20 1.82 -21.25
CA GLN A 271 -8.36 2.07 -20.39
C GLN A 271 -9.19 0.81 -20.18
N VAL A 272 -9.30 -0.04 -21.20
CA VAL A 272 -10.00 -1.30 -21.02
C VAL A 272 -9.28 -2.19 -20.02
N LEU A 273 -7.94 -2.21 -20.08
CA LEU A 273 -7.17 -2.94 -19.08
C LEU A 273 -7.40 -2.37 -17.68
N SER A 274 -7.46 -1.03 -17.57
CA SER A 274 -7.71 -0.42 -16.28
C SER A 274 -9.06 -0.84 -15.70
N PHE A 275 -10.11 -0.82 -16.52
CA PHE A 275 -11.42 -1.22 -16.02
C PHE A 275 -11.46 -2.70 -15.68
N LEU A 276 -10.80 -3.55 -16.48
CA LEU A 276 -10.72 -4.97 -16.13
C LEU A 276 -10.00 -5.16 -14.79
N ALA A 277 -8.93 -4.41 -14.55
CA ALA A 277 -8.22 -4.50 -13.28
C ALA A 277 -9.11 -4.07 -12.11
N ALA A 278 -9.86 -2.99 -12.30
CA ALA A 278 -10.76 -2.55 -11.24
C ALA A 278 -11.81 -3.60 -10.92
N PHE A 279 -12.37 -4.20 -11.96
CA PHE A 279 -13.34 -5.27 -11.77
C PHE A 279 -12.69 -6.42 -11.00
N GLY A 280 -11.49 -6.82 -11.41
CA GLY A 280 -10.80 -7.92 -10.76
C GLY A 280 -10.56 -7.66 -9.29
N CYS A 281 -10.13 -6.44 -8.95
CA CYS A 281 -9.95 -6.11 -7.54
C CYS A 281 -11.27 -6.18 -6.77
N LEU A 282 -12.35 -5.66 -7.37
CA LEU A 282 -13.64 -5.69 -6.68
C LEU A 282 -14.11 -7.12 -6.43
N VAL A 283 -13.94 -8.00 -7.43
CA VAL A 283 -14.27 -9.41 -7.23
C VAL A 283 -13.38 -10.06 -6.19
N MET A 284 -12.09 -9.71 -6.16
CA MET A 284 -11.16 -10.24 -5.17
C MET A 284 -11.45 -9.77 -3.76
N ALA A 285 -12.15 -8.65 -3.60
CA ALA A 285 -12.41 -8.08 -2.27
C ALA A 285 -13.60 -8.72 -1.57
N ILE A 286 -14.30 -9.64 -2.23
CA ILE A 286 -15.48 -10.28 -1.65
C ILE A 286 -15.12 -11.41 -0.67
N PRO A 287 -14.21 -12.33 -1.01
CA PRO A 287 -13.91 -13.39 -0.02
C PRO A 287 -13.32 -12.86 1.28
N ALA A 288 -12.55 -11.78 1.22
CA ALA A 288 -11.90 -11.27 2.41
C ALA A 288 -12.91 -10.67 3.39
N ILE A 289 -13.95 -10.01 2.88
CA ILE A 289 -14.94 -9.40 3.75
C ILE A 289 -15.70 -10.46 4.54
N LEU A 290 -16.05 -11.56 3.88
CA LEU A 290 -16.79 -12.62 4.56
C LEU A 290 -15.99 -13.22 5.70
N ILE A 291 -14.66 -13.29 5.54
CA ILE A 291 -13.81 -13.85 6.59
C ILE A 291 -13.85 -13.00 7.85
N GLY A 292 -13.80 -11.67 7.68
CA GLY A 292 -13.92 -10.80 8.83
C GLY A 292 -15.25 -10.95 9.54
N ALA A 293 -16.32 -11.06 8.77
CA ALA A 293 -17.64 -11.24 9.37
C ALA A 293 -17.74 -12.57 10.12
N ILE A 294 -17.17 -13.63 9.55
CA ILE A 294 -17.17 -14.93 10.23
C ILE A 294 -16.39 -14.85 11.53
N GLY A 295 -15.23 -14.17 11.51
CA GLY A 295 -14.47 -13.99 12.73
C GLY A 295 -15.22 -13.18 13.77
N ALA A 296 -15.94 -12.14 13.32
CA ALA A 296 -16.67 -11.29 14.25
C ALA A 296 -17.83 -12.05 14.90
N SER A 297 -18.61 -12.77 14.10
CA SER A 297 -19.77 -13.50 14.61
C SER A 297 -19.34 -14.91 14.97
N THR A 298 -18.64 -15.04 16.10
CA THR A 298 -18.17 -16.34 16.54
C THR A 298 -18.13 -16.38 18.06
N ASP A 299 -18.29 -17.58 18.61
CA ASP A 299 -18.19 -17.82 20.04
C ASP A 299 -16.84 -18.48 20.30
N TRP A 300 -15.84 -17.67 20.63
CA TRP A 300 -14.48 -18.15 20.77
C TRP A 300 -14.27 -18.98 22.03
N ASN A 301 -15.25 -19.03 22.93
CA ASN A 301 -15.19 -19.87 24.12
C ASN A 301 -15.53 -21.32 23.81
N GLN A 302 -16.16 -21.60 22.67
CA GLN A 302 -16.47 -22.97 22.27
C GLN A 302 -15.40 -23.61 21.41
N THR A 303 -14.68 -22.83 20.60
CA THR A 303 -13.58 -23.36 19.80
C THR A 303 -12.31 -23.39 20.63
N ALA A 304 -11.19 -23.81 20.03
CA ALA A 304 -9.95 -23.99 20.76
C ALA A 304 -9.07 -22.76 20.95
N TYR A 305 -9.64 -21.56 20.90
CA TYR A 305 -8.87 -20.34 21.10
C TYR A 305 -9.02 -19.76 22.50
N GLY A 306 -9.76 -20.42 23.38
CA GLY A 306 -9.85 -20.02 24.76
C GLY A 306 -10.81 -18.85 24.99
N LEU A 307 -10.95 -18.48 26.26
CA LEU A 307 -11.85 -17.39 26.63
C LEU A 307 -11.48 -16.06 26.01
N PRO A 308 -10.23 -15.58 26.06
CA PRO A 308 -9.93 -14.28 25.45
C PRO A 308 -10.16 -14.30 23.95
N ASP A 309 -10.91 -13.30 23.48
CA ASP A 309 -11.12 -13.11 22.06
C ASP A 309 -9.84 -12.58 21.42
N PRO A 310 -9.72 -12.66 20.09
CA PRO A 310 -8.57 -12.04 19.43
C PRO A 310 -8.54 -10.53 19.53
N LYS A 311 -9.50 -9.92 20.22
CA LYS A 311 -9.45 -8.47 20.44
C LYS A 311 -8.92 -8.14 21.83
N THR A 312 -9.32 -8.91 22.84
CA THR A 312 -8.81 -8.67 24.19
C THR A 312 -7.31 -8.89 24.24
N THR A 313 -6.85 -10.04 23.78
CA THR A 313 -5.44 -10.21 23.48
C THR A 313 -5.13 -9.51 22.16
N GLU A 314 -4.12 -8.64 22.16
CA GLU A 314 -3.89 -7.76 21.03
C GLU A 314 -3.27 -8.57 19.88
N GLU A 315 -4.07 -9.53 19.40
CA GLU A 315 -3.78 -10.36 18.22
C GLU A 315 -5.03 -10.33 17.37
N ALA A 316 -5.20 -9.28 16.58
CA ALA A 316 -6.42 -9.08 15.80
C ALA A 316 -6.11 -8.88 14.32
N ASP A 317 -4.84 -8.99 13.94
CA ASP A 317 -4.46 -8.91 12.52
C ASP A 317 -4.33 -10.32 12.00
N MET A 318 -4.39 -11.29 12.89
CA MET A 318 -4.27 -12.70 12.54
C MET A 318 -5.64 -13.28 12.22
N ILE A 319 -6.63 -12.43 12.00
CA ILE A 319 -8.00 -12.90 11.90
C ILE A 319 -8.18 -13.86 10.73
N LEU A 320 -7.58 -13.53 9.58
CA LEU A 320 -7.64 -14.47 8.45
C LEU A 320 -6.96 -15.79 8.77
N PRO A 321 -5.70 -15.84 9.22
CA PRO A 321 -5.13 -17.14 9.58
C PRO A 321 -5.89 -17.85 10.69
N ILE A 322 -6.39 -17.11 11.67
CA ILE A 322 -7.08 -17.74 12.80
C ILE A 322 -8.35 -18.45 12.33
N VAL A 323 -9.16 -17.75 11.54
CA VAL A 323 -10.40 -18.39 11.08
C VAL A 323 -10.09 -19.49 10.06
N LEU A 324 -9.00 -19.35 9.30
CA LEU A 324 -8.66 -20.39 8.34
C LEU A 324 -8.10 -21.64 9.01
N GLN A 325 -7.55 -21.51 10.21
CA GLN A 325 -6.95 -22.65 10.87
C GLN A 325 -7.88 -23.32 11.88
N TYR A 326 -8.56 -22.54 12.72
CA TYR A 326 -9.30 -23.15 13.83
C TYR A 326 -10.69 -23.61 13.38
N LEU A 327 -11.41 -22.77 12.64
CA LEU A 327 -12.78 -23.13 12.25
C LEU A 327 -12.79 -24.22 11.18
N CYS A 328 -11.90 -24.11 10.19
CA CYS A 328 -11.87 -25.08 9.11
C CYS A 328 -11.29 -26.41 9.57
N PRO A 329 -11.61 -27.50 8.88
CA PRO A 329 -11.09 -28.82 9.27
C PRO A 329 -9.61 -28.95 8.91
N VAL A 330 -9.08 -30.15 9.15
CA VAL A 330 -7.63 -30.36 9.12
C VAL A 330 -7.10 -30.29 7.70
N TYR A 331 -7.58 -31.18 6.84
CA TYR A 331 -7.07 -31.27 5.46
C TYR A 331 -7.19 -29.99 4.65
N ILE A 332 -8.30 -29.29 4.75
CA ILE A 332 -8.51 -28.09 3.94
C ILE A 332 -7.60 -26.96 4.41
N SER A 333 -7.42 -26.81 5.72
CA SER A 333 -6.53 -25.77 6.23
C SER A 333 -5.09 -26.01 5.75
N PHE A 334 -4.67 -27.27 5.71
CA PHE A 334 -3.33 -27.60 5.23
C PHE A 334 -3.14 -27.16 3.79
N PHE A 335 -4.18 -27.26 2.96
CA PHE A 335 -4.10 -26.72 1.61
C PHE A 335 -4.20 -25.19 1.62
N GLY A 336 -5.24 -24.66 2.27
CA GLY A 336 -5.54 -23.24 2.11
C GLY A 336 -4.48 -22.33 2.68
N LEU A 337 -4.10 -22.56 3.94
CA LEU A 337 -3.11 -21.71 4.58
C LEU A 337 -1.76 -21.79 3.87
N GLY A 338 -1.35 -23.00 3.48
CA GLY A 338 -0.11 -23.14 2.76
C GLY A 338 -0.12 -22.40 1.43
N ALA A 339 -1.20 -22.55 0.67
CA ALA A 339 -1.30 -21.87 -0.62
C ALA A 339 -1.27 -20.35 -0.44
N VAL A 340 -2.02 -19.84 0.54
CA VAL A 340 -2.05 -18.40 0.77
C VAL A 340 -0.68 -17.88 1.16
N SER A 341 0.01 -18.59 2.07
CA SER A 341 1.33 -18.14 2.50
C SER A 341 2.33 -18.17 1.35
N ALA A 342 2.33 -19.25 0.56
CA ALA A 342 3.28 -19.37 -0.54
C ALA A 342 2.99 -18.36 -1.65
N ALA A 343 1.73 -17.97 -1.84
CA ALA A 343 1.45 -16.93 -2.81
C ALA A 343 2.04 -15.59 -2.39
N VAL A 344 1.95 -15.25 -1.11
CA VAL A 344 2.49 -13.99 -0.62
C VAL A 344 4.01 -14.03 -0.64
N MET A 345 4.60 -15.20 -0.38
CA MET A 345 6.06 -15.29 -0.28
C MET A 345 6.74 -14.83 -1.56
N SER A 346 6.07 -14.96 -2.70
CA SER A 346 6.64 -14.54 -3.98
C SER A 346 6.42 -13.06 -4.28
N SER A 347 5.73 -12.33 -3.40
CA SER A 347 5.47 -10.91 -3.67
C SER A 347 6.66 -10.04 -3.25
N ALA A 348 7.39 -10.45 -2.22
CA ALA A 348 8.43 -9.59 -1.66
C ALA A 348 9.61 -9.45 -2.62
N ASP A 349 9.91 -10.50 -3.38
CA ASP A 349 11.07 -10.47 -4.26
C ASP A 349 10.95 -9.38 -5.32
N SER A 350 9.75 -9.19 -5.86
CA SER A 350 9.56 -8.14 -6.86
C SER A 350 9.70 -6.77 -6.24
N SER A 351 9.03 -6.54 -5.11
CA SER A 351 8.99 -5.20 -4.52
C SER A 351 10.36 -4.76 -4.03
N ILE A 352 11.07 -5.63 -3.33
CA ILE A 352 12.37 -5.24 -2.77
C ILE A 352 13.34 -4.88 -3.88
N LEU A 353 13.41 -5.73 -4.91
CA LEU A 353 14.34 -5.48 -6.01
C LEU A 353 13.94 -4.23 -6.79
N SER A 354 12.63 -4.02 -7.01
CA SER A 354 12.20 -2.83 -7.73
C SER A 354 12.57 -1.57 -6.97
N ALA A 355 12.35 -1.54 -5.66
CA ALA A 355 12.70 -0.37 -4.87
C ALA A 355 14.21 -0.14 -4.84
N SER A 356 14.99 -1.23 -4.76
CA SER A 356 16.45 -1.07 -4.74
C SER A 356 16.96 -0.52 -6.06
N SER A 357 16.47 -1.04 -7.19
CA SER A 357 16.86 -0.49 -8.48
C SER A 357 16.38 0.96 -8.63
N MET A 358 15.20 1.25 -8.09
CA MET A 358 14.71 2.62 -8.04
C MET A 358 15.69 3.56 -7.34
N PHE A 359 16.16 3.16 -6.15
CA PHE A 359 17.10 4.00 -5.42
C PHE A 359 18.42 4.13 -6.18
N ALA A 360 18.89 3.02 -6.77
CA ALA A 360 20.17 3.05 -7.47
C ALA A 360 20.13 4.00 -8.67
N ARG A 361 19.02 4.01 -9.40
CA ARG A 361 18.99 4.80 -10.63
C ARG A 361 18.36 6.18 -10.57
N ASN A 362 17.22 6.32 -9.90
CA ASN A 362 16.51 7.59 -9.95
C ASN A 362 16.91 8.53 -8.82
N ILE A 363 17.10 8.02 -7.60
CA ILE A 363 17.36 8.90 -6.48
C ILE A 363 18.84 9.26 -6.39
N TYR A 364 19.72 8.28 -6.64
CA TYR A 364 21.15 8.45 -6.47
C TYR A 364 21.88 8.85 -7.75
N GLN A 365 21.78 8.06 -8.80
CA GLN A 365 22.68 8.18 -9.95
C GLN A 365 22.51 9.50 -10.71
N LEU A 366 21.30 10.08 -10.72
CA LEU A 366 21.05 11.31 -11.47
C LEU A 366 21.95 12.42 -10.94
N SER A 367 22.82 12.90 -11.83
CA SER A 367 23.78 13.98 -11.60
C SER A 367 24.96 13.54 -10.74
N PHE A 368 24.90 12.33 -10.20
CA PHE A 368 26.05 11.73 -9.51
C PHE A 368 26.74 10.80 -10.50
N ARG A 369 27.76 11.30 -11.17
CA ARG A 369 28.39 10.55 -12.26
C ARG A 369 29.21 9.39 -11.71
N GLN A 370 28.69 8.18 -11.90
CA GLN A 370 29.41 6.96 -11.55
C GLN A 370 29.05 5.89 -12.57
N ASN A 371 29.95 4.92 -12.73
CA ASN A 371 29.73 3.78 -13.59
C ASN A 371 29.85 2.50 -12.78
N ALA A 372 29.55 1.37 -13.42
CA ALA A 372 29.45 0.10 -12.71
C ALA A 372 30.82 -0.52 -12.44
N SER A 373 31.70 0.24 -11.81
CA SER A 373 33.09 -0.17 -11.58
C SER A 373 33.18 -0.84 -10.20
N ASP A 374 34.37 -1.04 -9.62
CA ASP A 374 34.53 -1.88 -8.44
C ASP A 374 33.79 -1.32 -7.23
N LYS A 375 33.82 -0.01 -7.04
CA LYS A 375 33.37 0.61 -5.79
C LYS A 375 32.16 1.52 -5.99
N GLU A 376 31.15 1.09 -6.76
CA GLU A 376 30.25 2.04 -7.40
C GLU A 376 28.89 1.36 -7.66
N ILE A 377 28.07 1.93 -8.55
CA ILE A 377 26.62 1.76 -8.53
C ILE A 377 26.11 0.34 -8.25
N VAL A 378 26.69 -0.68 -8.87
CA VAL A 378 26.14 -2.01 -8.62
C VAL A 378 26.43 -2.48 -7.20
N TRP A 379 27.57 -2.12 -6.62
CA TRP A 379 27.76 -2.34 -5.19
C TRP A 379 26.73 -1.56 -4.38
N VAL A 380 26.44 -0.33 -4.80
CA VAL A 380 25.46 0.49 -4.09
C VAL A 380 24.10 -0.18 -4.11
N MET A 381 23.70 -0.73 -5.26
CA MET A 381 22.42 -1.43 -5.35
C MET A 381 22.42 -2.72 -4.55
N ARG A 382 23.56 -3.41 -4.47
CA ARG A 382 23.65 -4.58 -3.61
C ARG A 382 23.46 -4.19 -2.14
N ILE A 383 24.05 -3.07 -1.72
CA ILE A 383 23.88 -2.61 -0.34
C ILE A 383 22.44 -2.15 -0.09
N THR A 384 21.81 -1.55 -1.08
CA THR A 384 20.47 -1.00 -0.90
C THR A 384 19.46 -2.06 -0.45
N VAL A 385 19.62 -3.29 -0.94
CA VAL A 385 18.67 -4.34 -0.60
C VAL A 385 18.71 -4.63 0.89
N PHE A 386 19.91 -4.69 1.48
CA PHE A 386 20.01 -4.96 2.91
C PHE A 386 19.36 -3.85 3.73
N VAL A 387 19.59 -2.59 3.35
CA VAL A 387 19.00 -1.47 4.09
C VAL A 387 17.49 -1.50 3.97
N PHE A 388 16.96 -1.76 2.77
CA PHE A 388 15.51 -1.82 2.61
C PHE A 388 14.90 -2.93 3.43
N GLY A 389 15.51 -4.12 3.41
CA GLY A 389 14.98 -5.22 4.20
C GLY A 389 15.01 -4.92 5.69
N ALA A 390 16.13 -4.37 6.17
CA ALA A 390 16.25 -4.06 7.59
C ALA A 390 15.23 -3.00 8.01
N SER A 391 15.07 -1.95 7.22
CA SER A 391 14.09 -0.92 7.56
C SER A 391 12.67 -1.48 7.55
N ALA A 392 12.34 -2.29 6.53
CA ALA A 392 11.01 -2.84 6.44
C ALA A 392 10.68 -3.73 7.63
N THR A 393 11.61 -4.62 8.02
CA THR A 393 11.33 -5.49 9.15
C THR A 393 11.33 -4.73 10.46
N ALA A 394 12.17 -3.70 10.59
CA ALA A 394 12.18 -2.91 11.81
C ALA A 394 10.85 -2.19 12.00
N MET A 395 10.29 -1.63 10.93
CA MET A 395 9.00 -0.95 11.07
C MET A 395 7.85 -1.95 11.17
N ALA A 396 8.02 -3.14 10.60
CA ALA A 396 6.99 -4.17 10.77
C ALA A 396 6.92 -4.64 12.22
N LEU A 397 8.06 -4.68 12.91
CA LEU A 397 8.06 -5.10 14.31
C LEU A 397 7.46 -4.03 15.21
N LEU A 398 7.74 -2.75 14.94
CA LEU A 398 7.31 -1.69 15.84
C LEU A 398 5.80 -1.49 15.80
N THR A 399 5.27 -1.10 14.65
CA THR A 399 3.82 -0.93 14.52
C THR A 399 3.13 -2.28 14.63
N LYS A 400 1.85 -2.25 15.03
CA LYS A 400 1.13 -3.48 15.35
C LYS A 400 -0.18 -3.61 14.58
N THR A 401 -0.32 -2.94 13.45
CA THR A 401 -1.50 -3.07 12.61
C THR A 401 -1.11 -3.05 11.15
N VAL A 402 -1.62 -4.02 10.38
CA VAL A 402 -1.34 -4.07 8.95
C VAL A 402 -2.11 -2.97 8.22
N TYR A 403 -3.35 -2.73 8.61
CA TYR A 403 -4.15 -1.71 7.94
C TYR A 403 -3.54 -0.33 8.14
N GLY A 404 -2.90 -0.09 9.28
CA GLY A 404 -2.22 1.16 9.48
C GLY A 404 -1.09 1.38 8.49
N LEU A 405 -0.26 0.36 8.29
CA LEU A 405 0.82 0.47 7.31
C LEU A 405 0.27 0.65 5.90
N TRP A 406 -0.76 -0.10 5.55
CA TRP A 406 -1.30 -0.05 4.20
C TRP A 406 -2.12 1.22 3.99
N TYR A 407 -2.41 1.94 5.07
CA TYR A 407 -2.96 3.29 4.96
C TYR A 407 -1.84 4.32 4.78
N LEU A 408 -0.82 4.26 5.65
CA LEU A 408 0.28 5.23 5.58
C LEU A 408 1.09 5.10 4.30
N SER A 409 1.02 3.97 3.61
CA SER A 409 1.75 3.82 2.36
C SER A 409 1.23 4.73 1.25
N SER A 410 0.07 5.35 1.45
CA SER A 410 -0.54 6.24 0.47
C SER A 410 -0.74 7.65 0.99
N ASP A 411 0.11 8.11 1.91
CA ASP A 411 -0.04 9.46 2.46
C ASP A 411 0.99 10.41 1.86
N LEU A 412 2.28 10.05 1.98
CA LEU A 412 3.34 10.93 1.49
C LEU A 412 3.25 11.14 -0.01
N VAL A 413 2.96 10.07 -0.76
CA VAL A 413 2.74 10.22 -2.20
C VAL A 413 1.60 11.19 -2.45
N TYR A 414 0.47 10.96 -1.78
CA TYR A 414 -0.72 11.78 -1.98
C TYR A 414 -0.42 13.26 -1.79
N ILE A 415 0.40 13.60 -0.79
CA ILE A 415 0.60 15.02 -0.47
C ILE A 415 1.88 15.60 -1.05
N VAL A 416 2.71 14.79 -1.71
CA VAL A 416 3.97 15.34 -2.22
C VAL A 416 4.10 15.22 -3.74
N ILE A 417 3.51 14.18 -4.33
CA ILE A 417 3.74 13.88 -5.74
C ILE A 417 2.56 14.29 -6.60
N PHE A 418 1.36 13.88 -6.21
CA PHE A 418 0.14 14.18 -6.94
C PHE A 418 -0.09 15.69 -7.08
N PRO A 419 0.10 16.50 -6.04
CA PRO A 419 -0.11 17.95 -6.21
C PRO A 419 0.75 18.55 -7.31
N GLN A 420 1.98 18.05 -7.49
CA GLN A 420 2.80 18.55 -8.58
C GLN A 420 2.51 17.79 -9.87
N LEU A 421 2.13 16.52 -9.76
CA LEU A 421 1.81 15.74 -10.95
C LEU A 421 0.65 16.37 -11.71
N LEU A 422 -0.29 16.99 -10.99
CA LEU A 422 -1.34 17.74 -11.65
C LEU A 422 -0.77 18.92 -12.43
N CYS A 423 0.18 19.64 -11.84
CA CYS A 423 0.64 20.87 -12.47
C CYS A 423 1.53 20.59 -13.67
N VAL A 424 2.32 19.51 -13.64
CA VAL A 424 3.14 19.18 -14.80
C VAL A 424 2.26 18.86 -16.01
N LEU A 425 1.20 18.08 -15.80
CA LEU A 425 0.43 17.55 -16.91
C LEU A 425 -0.45 18.61 -17.56
N PHE A 426 -1.14 19.42 -16.75
CA PHE A 426 -2.16 20.33 -17.26
C PHE A 426 -1.79 21.78 -17.08
N VAL A 427 -1.28 22.16 -15.91
CA VAL A 427 -0.93 23.56 -15.71
C VAL A 427 0.32 23.91 -16.51
N LYS A 428 0.31 25.12 -17.06
CA LYS A 428 1.46 25.65 -17.77
C LYS A 428 2.17 26.67 -16.89
N GLY A 429 3.43 26.92 -17.20
CA GLY A 429 4.18 27.94 -16.48
C GLY A 429 4.70 27.54 -15.13
N THR A 430 4.68 26.26 -14.78
CA THR A 430 5.28 25.82 -13.53
C THR A 430 6.80 25.71 -13.68
N ASN A 431 7.52 26.38 -12.78
CA ASN A 431 8.96 26.42 -12.83
C ASN A 431 9.54 25.64 -11.67
N THR A 432 10.87 25.48 -11.68
CA THR A 432 11.54 24.79 -10.59
C THR A 432 11.41 25.55 -9.28
N TYR A 433 11.29 26.88 -9.35
CA TYR A 433 11.11 27.68 -8.14
C TYR A 433 9.84 27.28 -7.41
N GLY A 434 8.76 27.03 -8.15
CA GLY A 434 7.49 26.69 -7.51
C GLY A 434 7.55 25.38 -6.76
N ALA A 435 8.34 24.43 -7.28
CA ALA A 435 8.40 23.10 -6.68
C ALA A 435 8.86 23.13 -5.23
N VAL A 436 9.92 23.89 -4.93
CA VAL A 436 10.46 23.90 -3.57
C VAL A 436 9.45 24.46 -2.58
N ALA A 437 8.74 25.53 -2.97
CA ALA A 437 7.77 26.15 -2.08
C ALA A 437 6.67 25.18 -1.69
N GLY A 438 6.07 24.50 -2.68
CA GLY A 438 5.07 23.50 -2.37
C GLY A 438 5.62 22.33 -1.58
N TYR A 439 6.83 21.92 -1.93
CA TYR A 439 7.47 20.80 -1.24
C TYR A 439 7.54 21.10 0.25
N VAL A 440 8.06 22.27 0.61
CA VAL A 440 8.20 22.59 2.03
C VAL A 440 6.84 22.86 2.67
N SER A 441 5.93 23.53 1.94
CA SER A 441 4.67 23.95 2.52
C SER A 441 3.79 22.77 2.88
N GLY A 442 3.68 21.79 1.98
CA GLY A 442 2.88 20.61 2.30
C GLY A 442 3.45 19.80 3.44
N LEU A 443 4.77 19.59 3.42
CA LEU A 443 5.40 18.80 4.47
C LEU A 443 5.29 19.50 5.82
N PHE A 444 5.32 20.83 5.83
CA PHE A 444 5.18 21.56 7.09
C PHE A 444 3.85 21.24 7.76
N LEU A 445 2.76 21.39 7.02
CA LEU A 445 1.44 21.11 7.58
C LEU A 445 1.28 19.63 7.92
N ARG A 446 1.85 18.75 7.10
CA ARG A 446 1.71 17.32 7.38
C ARG A 446 2.43 16.91 8.66
N ILE A 447 3.70 17.29 8.80
CA ILE A 447 4.45 16.85 9.96
C ILE A 447 4.06 17.64 11.21
N THR A 448 3.49 18.83 11.04
CA THR A 448 3.00 19.56 12.20
C THR A 448 1.69 18.97 12.73
N GLY A 449 0.92 18.31 11.85
CA GLY A 449 -0.36 17.76 12.28
C GLY A 449 -0.21 16.62 13.26
N GLY A 450 0.76 15.76 13.05
CA GLY A 450 0.92 14.60 13.91
C GLY A 450 0.14 13.40 13.41
N GLU A 451 0.58 12.22 13.80
CA GLU A 451 -0.01 10.98 13.33
C GLU A 451 -0.45 10.10 14.49
N PRO A 452 -1.64 9.51 14.44
CA PRO A 452 -2.02 8.54 15.49
C PRO A 452 -1.32 7.20 15.36
N TYR A 453 -1.21 6.66 14.14
CA TYR A 453 -0.64 5.32 13.96
C TYR A 453 0.82 5.28 14.37
N LEU A 454 1.63 6.19 13.82
CA LEU A 454 3.02 6.37 14.26
C LEU A 454 3.00 7.40 15.38
N TYR A 455 3.51 7.00 16.54
CA TYR A 455 3.30 7.80 17.76
C TYR A 455 3.95 9.16 17.61
N LEU A 456 3.11 10.17 17.42
CA LEU A 456 3.56 11.55 17.28
C LEU A 456 2.44 12.47 17.73
N GLN A 457 2.78 13.44 18.55
CA GLN A 457 1.81 14.32 19.15
C GLN A 457 1.69 15.59 18.32
N PRO A 458 0.47 16.06 18.07
CA PRO A 458 0.28 17.25 17.24
C PRO A 458 0.94 18.48 17.85
N LEU A 459 1.37 19.38 16.97
CA LEU A 459 1.92 20.66 17.38
C LEU A 459 1.02 21.84 17.04
N ILE A 460 0.23 21.76 15.96
CA ILE A 460 -0.61 22.89 15.56
C ILE A 460 -2.01 22.84 16.16
N PHE A 461 -2.48 21.68 16.61
CA PHE A 461 -3.72 21.54 17.38
C PHE A 461 -4.91 22.17 16.65
N TYR A 462 -5.27 21.55 15.53
CA TYR A 462 -6.45 21.97 14.78
C TYR A 462 -7.71 21.78 15.63
N PRO A 463 -8.72 22.64 15.42
CA PRO A 463 -9.95 22.52 16.22
C PRO A 463 -10.63 21.18 16.03
N GLY A 464 -11.26 20.70 17.09
CA GLY A 464 -11.93 19.41 17.09
C GLY A 464 -11.10 18.25 17.60
N TYR A 465 -9.92 18.52 18.16
CA TYR A 465 -9.08 17.45 18.68
C TYR A 465 -9.72 16.78 19.89
N TYR A 466 -9.50 15.49 20.01
CA TYR A 466 -9.98 14.71 21.15
C TYR A 466 -8.97 13.61 21.45
N PRO A 467 -8.83 13.23 22.72
CA PRO A 467 -7.87 12.17 23.06
C PRO A 467 -8.39 10.78 22.75
N ASP A 468 -7.55 9.93 22.15
CA ASP A 468 -7.96 8.59 21.79
C ASP A 468 -7.80 7.64 22.99
N ASP A 469 -6.57 7.47 23.47
CA ASP A 469 -6.26 6.52 24.54
C ASP A 469 -5.58 7.19 25.72
N ASN A 470 -5.95 8.43 26.03
CA ASN A 470 -5.34 9.30 27.05
C ASN A 470 -3.92 9.68 26.67
N GLY A 471 -3.42 9.22 25.53
CA GLY A 471 -2.09 9.54 25.08
C GLY A 471 -2.07 10.38 23.83
N ILE A 472 -1.85 9.74 22.69
CA ILE A 472 -1.71 10.42 21.41
C ILE A 472 -3.03 11.09 21.05
N TYR A 473 -2.98 12.39 20.78
CA TYR A 473 -4.18 13.11 20.39
C TYR A 473 -4.50 12.87 18.92
N ASN A 474 -5.80 12.89 18.62
CA ASN A 474 -6.29 12.63 17.28
C ASN A 474 -7.18 13.80 16.86
N GLN A 475 -6.95 14.30 15.66
CA GLN A 475 -7.62 15.49 15.16
C GLN A 475 -8.77 15.11 14.25
N LYS A 476 -9.77 16.00 14.17
CA LYS A 476 -10.98 15.79 13.38
C LYS A 476 -11.14 16.97 12.42
N PHE A 477 -10.05 17.36 11.77
CA PHE A 477 -10.06 18.40 10.77
C PHE A 477 -9.29 17.92 9.55
N PRO A 478 -9.80 18.14 8.35
CA PRO A 478 -9.12 17.64 7.14
C PRO A 478 -7.81 18.37 6.84
N PHE A 479 -6.79 18.09 7.66
CA PHE A 479 -5.51 18.77 7.49
C PHE A 479 -4.71 18.19 6.33
N LYS A 480 -4.95 16.92 6.00
CA LYS A 480 -4.24 16.31 4.87
C LYS A 480 -4.66 16.94 3.55
N THR A 481 -5.97 17.00 3.30
CA THR A 481 -6.47 17.64 2.10
C THR A 481 -6.13 19.13 2.08
N LEU A 482 -6.20 19.79 3.25
CA LEU A 482 -5.82 21.19 3.32
C LEU A 482 -4.36 21.38 2.92
N ALA A 483 -3.49 20.49 3.40
CA ALA A 483 -2.07 20.58 3.05
C ALA A 483 -1.87 20.37 1.55
N MET A 484 -2.53 19.38 0.96
CA MET A 484 -2.40 19.16 -0.48
C MET A 484 -2.88 20.37 -1.25
N VAL A 485 -4.02 20.93 -0.88
CA VAL A 485 -4.59 22.06 -1.61
C VAL A 485 -3.70 23.29 -1.45
N THR A 486 -3.11 23.47 -0.28
CA THR A 486 -2.18 24.59 -0.07
C THR A 486 -0.93 24.43 -0.92
N SER A 487 -0.38 23.21 -0.97
CA SER A 487 0.75 22.97 -1.86
C SER A 487 0.39 23.32 -3.30
N PHE A 488 -0.79 22.91 -3.73
CA PHE A 488 -1.22 23.22 -5.09
C PHE A 488 -1.28 24.74 -5.31
N LEU A 489 -1.98 25.47 -4.44
CA LEU A 489 -2.17 26.89 -4.67
C LEU A 489 -0.92 27.73 -4.41
N THR A 490 0.10 27.19 -3.75
CA THR A 490 1.36 27.93 -3.75
C THR A 490 2.22 27.59 -4.95
N ASN A 491 2.08 26.39 -5.51
CA ASN A 491 2.92 25.99 -6.63
C ASN A 491 2.76 26.93 -7.82
N ILE A 492 1.53 27.22 -8.24
CA ILE A 492 1.34 28.14 -9.36
C ILE A 492 1.67 29.56 -8.95
N CYS A 493 1.28 29.96 -7.73
CA CYS A 493 1.41 31.36 -7.33
C CYS A 493 2.87 31.81 -7.31
N ILE A 494 3.73 31.08 -6.59
CA ILE A 494 5.13 31.51 -6.49
C ILE A 494 5.83 31.30 -7.83
N SER A 495 5.44 30.27 -8.58
CA SER A 495 6.05 30.04 -9.88
C SER A 495 5.79 31.19 -10.83
N TYR A 496 4.55 31.70 -10.86
CA TYR A 496 4.26 32.87 -11.66
C TYR A 496 4.90 34.14 -11.10
N LEU A 497 5.01 34.24 -9.77
CA LEU A 497 5.70 35.39 -9.18
C LEU A 497 7.13 35.47 -9.67
N ALA A 498 7.81 34.32 -9.76
CA ALA A 498 9.20 34.32 -10.21
C ALA A 498 9.33 34.82 -11.64
N LYS A 499 8.38 34.46 -12.51
CA LYS A 499 8.45 34.85 -13.91
C LYS A 499 8.47 36.37 -14.06
N TYR A 500 7.59 37.07 -13.33
CA TYR A 500 7.63 38.52 -13.34
C TYR A 500 8.86 39.05 -12.59
N LEU A 501 9.30 38.31 -11.57
CA LEU A 501 10.49 38.69 -10.82
C LEU A 501 11.73 38.75 -11.71
N PHE A 502 11.77 37.97 -12.78
CA PHE A 502 12.97 37.86 -13.61
C PHE A 502 12.80 38.52 -14.98
N GLU A 503 11.89 39.49 -15.12
CA GLU A 503 11.74 40.14 -16.42
C GLU A 503 12.11 41.62 -16.38
N SER A 504 11.45 42.41 -15.53
CA SER A 504 11.66 43.84 -15.55
C SER A 504 11.15 44.46 -14.26
N GLY A 505 11.80 45.55 -13.85
CA GLY A 505 11.31 46.42 -12.81
C GLY A 505 11.72 46.10 -11.40
N THR A 506 12.22 44.88 -11.14
CA THR A 506 12.41 44.47 -9.75
C THR A 506 13.77 43.83 -9.46
N LEU A 507 14.34 43.09 -10.41
CA LEU A 507 15.49 42.25 -10.11
C LEU A 507 16.37 42.04 -11.34
N PRO A 508 17.68 42.25 -11.24
CA PRO A 508 18.59 41.87 -12.31
C PRO A 508 18.55 40.37 -12.54
N PRO A 509 18.64 39.92 -13.80
CA PRO A 509 18.48 38.48 -14.09
C PRO A 509 19.63 37.62 -13.62
N LYS A 510 20.83 38.18 -13.44
CA LYS A 510 22.02 37.34 -13.28
C LYS A 510 21.99 36.51 -12.00
N LEU A 511 21.54 37.10 -10.89
CA LEU A 511 21.66 36.44 -9.58
C LEU A 511 20.43 35.58 -9.31
N ASP A 512 20.46 34.38 -9.87
CA ASP A 512 19.44 33.36 -9.61
C ASP A 512 20.11 32.00 -9.60
N VAL A 513 19.75 31.15 -8.64
CA VAL A 513 20.37 29.83 -8.53
C VAL A 513 20.04 28.99 -9.74
N PHE A 514 18.77 28.97 -10.15
CA PHE A 514 18.34 28.30 -11.36
C PHE A 514 17.86 29.33 -12.36
N ASP A 515 17.69 28.89 -13.62
CA ASP A 515 17.22 29.80 -14.68
C ASP A 515 16.06 29.18 -15.47
N ALA A 516 14.86 29.23 -14.93
CA ALA A 516 13.67 28.69 -15.57
C ALA A 516 12.95 29.73 -16.41
N VAL A 517 13.57 30.89 -16.63
CA VAL A 517 12.97 31.96 -17.42
C VAL A 517 13.67 32.08 -18.76
#